data_5J3E
#
_entry.id   5J3E
#
_cell.length_a   40.327
_cell.length_b   73.232
_cell.length_c   108.201
_cell.angle_alpha   90.000
_cell.angle_beta   91.180
_cell.angle_gamma   90.000
#
_symmetry.space_group_name_H-M   'P 1 21 1'
#
loop_
_entity.id
_entity.type
_entity.pdbx_description
1 polymer 'Thymocyte nuclear protein 1'
2 polymer '5-methylcytosine containing DNA'
3 non-polymer 'UNKNOWN ATOM OR ION'
4 water water
#
loop_
_entity_poly.entity_id
_entity_poly.type
_entity_poly.pdbx_seq_one_letter_code
_entity_poly.pdbx_strand_id
1 'polypeptide(L)'
;MSRPRKRLAGTSGSDKGLSGKRTKTENSGEALAKVEDSNPQKTSATKNCLKNLSSHWLMKSEPESRLEKGVDVKFSIEDL
KAQPKQTTCWDGVRNYQARNFLRAMKLGEEAFFYHSNCKEPGIAGLMKIVKEAYPDHTQFEKNNPHYDPSSKEDNPKWSM
VDVQFVRMMKRFIPLAELKSYHQAHKATGGPLKNMVLFTRQRLSIQPLTQEEFDFVLSLEEKEPS
;
A,B
2 'polydeoxyribonucleotide' (DG)(DC)(DC)(DA)(DA)(5CM)(DG)(DT)(DT)(DG)(DG)(DC) C,D,E,F
#
# COMPACT_ATOMS: atom_id res chain seq x y z
N LEU A 53 -22.31 3.19 -19.86
CA LEU A 53 -21.59 3.79 -18.73
C LEU A 53 -21.19 5.23 -19.07
N SER A 54 -21.18 6.11 -18.06
CA SER A 54 -20.73 7.51 -18.21
C SER A 54 -19.26 7.66 -17.83
N SER A 55 -18.69 8.82 -18.13
CA SER A 55 -17.30 9.10 -17.81
C SER A 55 -17.22 9.82 -16.49
N HIS A 56 -16.11 9.59 -15.79
CA HIS A 56 -15.81 10.23 -14.50
C HIS A 56 -14.44 10.92 -14.58
N TRP A 57 -14.29 12.01 -13.84
CA TRP A 57 -13.15 12.88 -14.00
C TRP A 57 -12.47 13.21 -12.69
N LEU A 58 -11.20 13.63 -12.76
CA LEU A 58 -10.51 14.21 -11.60
C LEU A 58 -9.94 15.56 -12.00
N MET A 59 -10.20 16.56 -11.17
CA MET A 59 -9.85 17.93 -11.48
C MET A 59 -9.14 18.57 -10.27
N LYS A 60 -7.92 19.07 -10.50
CA LYS A 60 -7.05 19.56 -9.43
C LYS A 60 -7.28 21.03 -9.16
N SER A 61 -7.34 21.42 -7.91
CA SER A 61 -7.22 22.84 -7.54
C SER A 61 -6.37 22.97 -6.29
N GLU A 62 -5.82 24.15 -6.07
CA GLU A 62 -4.92 24.41 -4.95
C GLU A 62 -5.69 25.07 -3.82
N PRO A 63 -5.80 24.39 -2.65
CA PRO A 63 -6.50 25.04 -1.52
C PRO A 63 -5.63 26.06 -0.76
N GLU A 64 -4.32 25.94 -0.84
CA GLU A 64 -3.45 26.88 -0.12
C GLU A 64 -3.15 28.03 -0.98
N SER A 65 -2.77 29.13 -0.33
CA SER A 65 -2.45 30.35 -1.03
C SER A 65 -1.12 30.25 -1.80
N ARG A 66 -1.14 30.64 -3.07
CA ARG A 66 0.04 30.79 -3.90
C ARG A 66 -0.25 31.87 -4.97
N LEU A 67 0.70 32.77 -5.18
CA LEU A 67 0.51 33.90 -6.09
C LEU A 67 1.11 33.58 -7.47
N GLU A 68 0.29 33.74 -8.52
CA GLU A 68 0.78 33.73 -9.89
C GLU A 68 0.56 35.16 -10.43
N LYS A 69 1.57 35.74 -11.07
CA LYS A 69 1.50 37.12 -11.59
C LYS A 69 0.77 38.08 -10.62
N GLY A 70 1.11 37.98 -9.33
CA GLY A 70 0.59 38.87 -8.28
C GLY A 70 -0.77 38.53 -7.68
N VAL A 71 -1.44 37.51 -8.21
CA VAL A 71 -2.84 37.17 -7.81
C VAL A 71 -2.93 35.76 -7.24
N ASP A 72 -3.79 35.62 -6.23
CA ASP A 72 -3.95 34.36 -5.52
C ASP A 72 -4.74 33.38 -6.38
N VAL A 73 -4.13 32.23 -6.68
CA VAL A 73 -4.84 31.11 -7.43
C VAL A 73 -5.53 30.07 -6.50
N LYS A 74 -5.52 30.32 -5.20
CA LYS A 74 -6.24 29.53 -4.20
C LYS A 74 -7.66 29.20 -4.63
N PHE A 75 -8.00 27.93 -4.67
CA PHE A 75 -9.42 27.54 -4.78
C PHE A 75 -9.69 26.15 -4.17
N SER A 76 -10.10 26.16 -2.91
CA SER A 76 -10.43 24.93 -2.17
C SER A 76 -11.86 24.48 -2.48
N ILE A 77 -12.25 23.36 -1.94
CA ILE A 77 -13.60 22.86 -2.12
C ILE A 77 -14.52 23.70 -1.27
N GLU A 78 -14.02 24.13 -0.11
CA GLU A 78 -14.77 25.06 0.72
C GLU A 78 -15.04 26.38 -0.04
N ASP A 79 -14.08 26.82 -0.86
CA ASP A 79 -14.27 28.02 -1.69
C ASP A 79 -15.36 27.80 -2.77
N LEU A 80 -15.38 26.60 -3.38
CA LEU A 80 -16.52 26.20 -4.25
C LEU A 80 -17.84 26.21 -3.50
N LYS A 81 -17.88 25.59 -2.31
CA LYS A 81 -19.14 25.49 -1.49
C LYS A 81 -19.72 26.84 -1.09
N ALA A 82 -18.85 27.82 -0.87
CA ALA A 82 -19.26 29.19 -0.56
C ALA A 82 -19.81 29.96 -1.79
N GLN A 83 -19.49 29.49 -3.01
CA GLN A 83 -19.92 30.16 -4.24
C GLN A 83 -21.43 30.29 -4.36
N PRO A 84 -21.89 31.28 -5.12
CA PRO A 84 -23.28 31.37 -5.48
C PRO A 84 -23.77 30.12 -6.21
N LYS A 85 -24.82 29.50 -5.68
CA LYS A 85 -25.37 28.19 -6.19
C LYS A 85 -24.30 27.06 -6.09
N GLN A 86 -23.32 27.25 -5.20
CA GLN A 86 -22.12 26.38 -5.10
C GLN A 86 -21.56 26.01 -6.47
N THR A 87 -21.50 27.00 -7.35
CA THR A 87 -21.17 26.79 -8.75
C THR A 87 -20.08 27.78 -9.18
N THR A 88 -19.15 27.30 -9.98
CA THR A 88 -18.14 28.15 -10.56
C THR A 88 -17.69 27.63 -11.91
N CYS A 89 -16.97 28.47 -12.63
CA CYS A 89 -16.44 28.10 -13.91
C CYS A 89 -14.98 27.76 -13.70
N TRP A 90 -14.52 26.70 -14.34
CA TRP A 90 -13.21 26.15 -14.08
C TRP A 90 -12.20 26.74 -15.06
N ASP A 91 -11.83 28.00 -14.80
CA ASP A 91 -10.98 28.77 -15.71
C ASP A 91 -9.54 28.41 -15.54
N GLY A 92 -8.72 28.81 -16.51
CA GLY A 92 -7.29 28.77 -16.35
C GLY A 92 -6.59 27.47 -16.69
N VAL A 93 -7.24 26.56 -17.40
CA VAL A 93 -6.53 25.36 -17.89
C VAL A 93 -5.75 25.75 -19.16
N ARG A 94 -4.43 25.47 -19.15
CA ARG A 94 -3.51 25.90 -20.22
C ARG A 94 -2.59 24.78 -20.65
N ASN A 95 -3.15 23.58 -20.66
CA ASN A 95 -2.49 22.36 -21.07
C ASN A 95 -3.40 21.78 -22.15
N TYR A 96 -2.85 21.38 -23.29
CA TYR A 96 -3.70 20.90 -24.41
C TYR A 96 -4.38 19.55 -24.10
N GLN A 97 -3.61 18.58 -23.58
CA GLN A 97 -4.16 17.27 -23.17
C GLN A 97 -5.36 17.47 -22.20
N ALA A 98 -5.20 18.36 -21.23
CA ALA A 98 -6.23 18.63 -20.23
C ALA A 98 -7.48 19.34 -20.79
N ARG A 99 -7.27 20.31 -21.69
CA ARG A 99 -8.35 21.06 -22.32
C ARG A 99 -9.24 20.11 -23.08
N ASN A 100 -8.61 19.18 -23.77
CA ASN A 100 -9.34 18.18 -24.52
C ASN A 100 -10.19 17.33 -23.65
N PHE A 101 -9.67 16.92 -22.48
CA PHE A 101 -10.50 16.20 -21.49
C PHE A 101 -11.71 17.03 -21.06
N LEU A 102 -11.55 18.37 -20.91
CA LEU A 102 -12.73 19.25 -20.65
C LEU A 102 -13.74 19.23 -21.76
N ARG A 103 -13.27 19.18 -22.98
CA ARG A 103 -14.14 19.12 -24.11
C ARG A 103 -14.90 17.77 -24.16
N ALA A 104 -14.29 16.70 -23.68
CA ALA A 104 -14.97 15.41 -23.57
C ALA A 104 -16.09 15.33 -22.51
N MET A 105 -16.13 16.27 -21.56
CA MET A 105 -17.08 16.18 -20.44
C MET A 105 -18.50 16.47 -20.86
N LYS A 106 -19.45 15.87 -20.14
CA LYS A 106 -20.89 15.97 -20.49
C LYS A 106 -21.73 16.44 -19.30
N LEU A 107 -22.90 17.02 -19.60
CA LEU A 107 -23.87 17.43 -18.55
C LEU A 107 -24.11 16.35 -17.52
N GLY A 108 -23.89 16.69 -16.26
CA GLY A 108 -24.17 15.80 -15.14
C GLY A 108 -23.07 14.81 -14.76
N GLU A 109 -21.97 14.73 -15.53
CA GLU A 109 -20.89 13.77 -15.22
C GLU A 109 -20.17 14.24 -13.96
N GLU A 110 -19.73 13.28 -13.12
CA GLU A 110 -19.16 13.59 -11.79
C GLU A 110 -17.68 13.66 -11.88
N ALA A 111 -17.10 14.45 -10.96
CA ALA A 111 -15.67 14.66 -10.92
C ALA A 111 -15.18 14.80 -9.48
N PHE A 112 -14.01 14.24 -9.21
CA PHE A 112 -13.39 14.39 -7.94
C PHE A 112 -12.72 15.76 -7.86
N PHE A 113 -12.91 16.42 -6.72
CA PHE A 113 -12.23 17.66 -6.44
C PHE A 113 -10.92 17.29 -5.66
N TYR A 114 -9.80 17.26 -6.40
CA TYR A 114 -8.49 16.96 -5.85
C TYR A 114 -7.75 18.22 -5.40
N HIS A 115 -7.19 18.16 -4.19
CA HIS A 115 -6.41 19.26 -3.64
C HIS A 115 -4.97 19.03 -3.92
N SER A 116 -4.33 19.96 -4.62
CA SER A 116 -2.90 19.81 -4.96
C SER A 116 -2.05 20.94 -4.42
N ASN A 117 -0.76 20.66 -4.31
CA ASN A 117 0.27 21.64 -3.97
C ASN A 117 0.07 22.27 -2.60
N CYS A 118 -0.31 21.44 -1.63
CA CYS A 118 -0.64 21.88 -0.27
C CYS A 118 -0.11 20.86 0.73
N LYS A 119 -0.39 21.08 2.00
CA LYS A 119 0.15 20.21 3.09
C LYS A 119 -0.44 18.83 3.11
N GLU A 120 -1.74 18.76 2.89
CA GLU A 120 -2.45 17.49 2.82
C GLU A 120 -3.18 17.45 1.50
N PRO A 121 -2.51 16.92 0.46
CA PRO A 121 -3.11 16.80 -0.86
C PRO A 121 -3.85 15.47 -1.05
N GLY A 122 -4.95 15.48 -1.80
CA GLY A 122 -5.83 14.31 -1.90
C GLY A 122 -7.20 14.73 -2.33
N ILE A 123 -8.08 13.75 -2.47
CA ILE A 123 -9.45 13.97 -2.90
C ILE A 123 -10.26 14.41 -1.71
N ALA A 124 -11.00 15.50 -1.88
CA ALA A 124 -11.80 16.10 -0.82
C ALA A 124 -13.31 15.91 -0.98
N GLY A 125 -13.78 15.85 -2.22
CA GLY A 125 -15.22 15.75 -2.47
C GLY A 125 -15.60 15.52 -3.90
N LEU A 126 -16.90 15.58 -4.14
CA LEU A 126 -17.47 15.36 -5.42
C LEU A 126 -18.14 16.63 -5.92
N MET A 127 -18.01 16.84 -7.22
CA MET A 127 -18.75 17.84 -7.93
C MET A 127 -19.17 17.26 -9.25
N LYS A 128 -20.16 17.90 -9.88
CA LYS A 128 -20.62 17.49 -11.18
C LYS A 128 -20.57 18.63 -12.20
N ILE A 129 -20.47 18.27 -13.48
CA ILE A 129 -20.45 19.23 -14.60
C ILE A 129 -21.87 19.78 -14.86
N VAL A 130 -22.02 21.11 -14.78
CA VAL A 130 -23.31 21.78 -15.08
C VAL A 130 -23.36 22.54 -16.42
N LYS A 131 -22.19 22.85 -16.98
CA LYS A 131 -22.13 23.38 -18.36
C LYS A 131 -20.92 22.83 -19.09
N GLU A 132 -21.17 22.26 -20.27
CA GLU A 132 -20.11 21.70 -21.11
C GLU A 132 -19.12 22.77 -21.55
N ALA A 133 -17.99 22.32 -22.08
CA ALA A 133 -16.90 23.20 -22.49
C ALA A 133 -17.35 24.41 -23.33
N TYR A 134 -16.78 25.58 -23.01
CA TYR A 134 -17.00 26.87 -23.75
C TYR A 134 -15.81 27.82 -23.51
N PRO A 135 -15.62 28.84 -24.37
CA PRO A 135 -14.44 29.74 -24.26
C PRO A 135 -14.16 30.26 -22.83
N ASP A 136 -12.89 30.19 -22.40
CA ASP A 136 -12.42 30.81 -21.14
C ASP A 136 -12.01 32.28 -21.39
N HIS A 137 -12.89 33.21 -21.02
CA HIS A 137 -12.65 34.68 -21.16
C HIS A 137 -11.29 35.19 -20.59
N THR A 138 -10.80 34.56 -19.51
CA THR A 138 -9.58 35.01 -18.82
C THR A 138 -8.32 35.02 -19.70
N GLN A 139 -8.31 34.20 -20.77
CA GLN A 139 -7.16 34.19 -21.72
C GLN A 139 -6.95 35.48 -22.49
N PHE A 140 -7.98 36.34 -22.54
CA PHE A 140 -7.89 37.68 -23.19
C PHE A 140 -7.70 38.88 -22.22
N GLU A 141 -7.85 38.64 -20.90
CA GLU A 141 -7.72 39.71 -19.91
C GLU A 141 -6.25 39.97 -19.67
N LYS A 142 -5.83 41.21 -20.00
CA LYS A 142 -4.39 41.56 -20.22
C LYS A 142 -3.47 41.20 -19.03
N ASN A 143 -3.93 41.53 -17.83
CA ASN A 143 -3.10 41.36 -16.62
C ASN A 143 -3.39 40.07 -15.85
N ASN A 144 -4.41 39.30 -16.28
CA ASN A 144 -4.79 38.00 -15.66
C ASN A 144 -3.57 37.04 -15.55
N PRO A 145 -3.48 36.27 -14.45
CA PRO A 145 -2.49 35.17 -14.36
C PRO A 145 -2.43 34.26 -15.60
N HIS A 146 -3.57 33.78 -16.04
CA HIS A 146 -3.64 32.83 -17.15
C HIS A 146 -3.97 33.53 -18.51
N TYR A 147 -3.40 34.72 -18.73
CA TYR A 147 -3.53 35.42 -20.01
C TYR A 147 -2.64 34.72 -21.02
N ASP A 148 -3.12 34.62 -22.27
CA ASP A 148 -2.37 33.98 -23.37
C ASP A 148 -2.38 34.92 -24.59
N PRO A 149 -1.22 35.59 -24.88
CA PRO A 149 -1.22 36.57 -26.00
C PRO A 149 -1.45 35.94 -27.39
N SER A 150 -1.15 34.64 -27.56
CA SER A 150 -1.31 33.95 -28.86
C SER A 150 -2.75 33.43 -29.15
N SER A 151 -3.68 33.68 -28.22
CA SER A 151 -5.07 33.27 -28.38
C SER A 151 -5.85 34.36 -29.10
N LYS A 152 -6.38 34.03 -30.28
CA LYS A 152 -7.26 34.93 -31.06
C LYS A 152 -8.75 34.56 -30.82
N GLU A 153 -9.63 35.56 -30.90
CA GLU A 153 -11.05 35.43 -30.48
C GLU A 153 -11.98 34.77 -31.53
N ASP A 154 -11.58 34.74 -32.81
CA ASP A 154 -12.33 34.02 -33.86
C ASP A 154 -12.32 32.47 -33.66
N ASN A 155 -11.29 31.97 -32.96
CA ASN A 155 -11.21 30.56 -32.54
C ASN A 155 -10.31 30.45 -31.26
N PRO A 156 -10.92 30.65 -30.08
CA PRO A 156 -10.16 30.65 -28.81
C PRO A 156 -9.50 29.31 -28.44
N LYS A 157 -8.21 29.38 -28.10
CA LYS A 157 -7.44 28.18 -27.81
C LYS A 157 -7.98 27.40 -26.65
N TRP A 158 -8.31 28.10 -25.56
CA TRP A 158 -8.57 27.48 -24.27
C TRP A 158 -10.07 27.47 -23.86
N SER A 159 -10.46 26.39 -23.17
CA SER A 159 -11.83 26.14 -22.70
C SER A 159 -11.92 26.03 -21.18
N MET A 160 -13.16 26.10 -20.71
CA MET A 160 -13.51 25.84 -19.34
C MET A 160 -14.92 25.26 -19.27
N VAL A 161 -15.25 24.71 -18.11
CA VAL A 161 -16.56 24.14 -17.81
C VAL A 161 -17.06 24.77 -16.55
N ASP A 162 -18.35 24.62 -16.29
CA ASP A 162 -18.91 25.02 -15.01
C ASP A 162 -19.12 23.78 -14.20
N VAL A 163 -18.74 23.83 -12.92
CA VAL A 163 -18.92 22.72 -12.01
C VAL A 163 -19.70 23.14 -10.82
N GLN A 164 -20.47 22.20 -10.31
CA GLN A 164 -21.28 22.39 -9.13
C GLN A 164 -20.93 21.28 -8.11
N PHE A 165 -20.71 21.73 -6.87
CA PHE A 165 -20.49 20.88 -5.70
C PHE A 165 -21.63 19.91 -5.57
N VAL A 166 -21.31 18.66 -5.22
CA VAL A 166 -22.31 17.69 -4.82
C VAL A 166 -22.14 17.39 -3.33
N ARG A 167 -20.99 16.83 -2.94
CA ARG A 167 -20.74 16.49 -1.52
C ARG A 167 -19.29 16.32 -1.18
N MET A 168 -19.01 16.34 0.12
CA MET A 168 -17.71 16.00 0.64
C MET A 168 -17.61 14.49 0.63
N MET A 169 -16.40 13.99 0.77
CA MET A 169 -16.20 12.57 0.96
C MET A 169 -16.54 12.31 2.42
N LYS A 170 -17.00 11.11 2.74
CA LYS A 170 -17.19 10.70 4.14
C LYS A 170 -15.91 10.94 4.98
N ARG A 171 -14.75 10.89 4.34
CA ARG A 171 -13.49 11.34 4.96
C ARG A 171 -12.50 11.78 3.86
N PHE A 172 -11.51 12.58 4.22
CA PHE A 172 -10.52 12.99 3.26
C PHE A 172 -9.76 11.73 2.79
N ILE A 173 -9.50 11.62 1.48
CA ILE A 173 -8.74 10.49 0.91
C ILE A 173 -7.36 10.99 0.50
N PRO A 174 -6.36 10.91 1.38
CA PRO A 174 -5.08 11.55 1.05
C PRO A 174 -4.36 10.90 -0.12
N LEU A 175 -3.50 11.66 -0.79
CA LEU A 175 -2.74 11.15 -1.92
C LEU A 175 -1.94 9.92 -1.57
N ALA A 176 -1.35 9.94 -0.38
CA ALA A 176 -0.51 8.87 0.07
C ALA A 176 -1.25 7.56 0.12
N GLU A 177 -2.56 7.61 0.47
CA GLU A 177 -3.36 6.40 0.55
C GLU A 177 -3.63 5.89 -0.84
N LEU A 178 -4.03 6.79 -1.71
CA LEU A 178 -4.24 6.47 -3.07
C LEU A 178 -3.00 5.80 -3.64
N LYS A 179 -1.82 6.41 -3.40
CA LYS A 179 -0.55 5.87 -3.91
C LYS A 179 -0.23 4.45 -3.41
N SER A 180 -0.58 4.12 -2.16
CA SER A 180 -0.35 2.75 -1.64
C SER A 180 -1.14 1.79 -2.45
N TYR A 181 -2.42 2.13 -2.67
CA TYR A 181 -3.30 1.26 -3.42
C TYR A 181 -2.81 1.11 -4.87
N HIS A 182 -2.35 2.22 -5.49
CA HIS A 182 -1.86 2.18 -6.88
C HIS A 182 -0.63 1.31 -7.01
N GLN A 183 0.31 1.44 -6.11
CA GLN A 183 1.50 0.55 -6.14
C GLN A 183 1.14 -0.88 -5.87
N ALA A 184 0.21 -1.10 -4.96
CA ALA A 184 -0.19 -2.46 -4.63
C ALA A 184 -0.86 -3.13 -5.84
N HIS A 185 -1.81 -2.42 -6.44
CA HIS A 185 -2.55 -2.94 -7.62
C HIS A 185 -1.72 -3.20 -8.85
N LYS A 186 -0.55 -2.59 -8.97
CA LYS A 186 0.41 -3.00 -10.00
C LYS A 186 0.82 -4.45 -9.78
N ALA A 187 1.00 -4.83 -8.52
CA ALA A 187 1.31 -6.21 -8.17
C ALA A 187 0.06 -7.13 -8.23
N THR A 188 -1.08 -6.66 -7.73
CA THR A 188 -2.29 -7.50 -7.58
C THR A 188 -3.26 -7.43 -8.76
N GLY A 189 -3.05 -6.53 -9.70
CA GLY A 189 -3.98 -6.34 -10.81
C GLY A 189 -5.31 -5.62 -10.44
N GLY A 190 -5.32 -4.91 -9.31
CA GLY A 190 -6.51 -4.20 -8.85
C GLY A 190 -6.83 -2.87 -9.54
N PRO A 191 -7.93 -2.22 -9.12
CA PRO A 191 -8.55 -1.12 -9.89
C PRO A 191 -7.78 0.21 -10.09
N LEU A 192 -6.65 0.41 -9.42
CA LEU A 192 -5.88 1.68 -9.56
C LEU A 192 -4.54 1.47 -10.23
N LYS A 193 -4.34 0.30 -10.82
CA LYS A 193 -3.06 -0.03 -11.48
C LYS A 193 -2.67 1.02 -12.57
N ASN A 194 -3.68 1.52 -13.31
CA ASN A 194 -3.41 2.51 -14.37
C ASN A 194 -3.99 3.91 -14.09
N MET A 195 -4.15 4.26 -12.82
CA MET A 195 -4.73 5.54 -12.49
C MET A 195 -3.86 6.73 -13.01
N VAL A 196 -4.53 7.73 -13.53
CA VAL A 196 -3.86 8.81 -14.23
C VAL A 196 -3.21 9.76 -13.22
N LEU A 197 -3.76 9.80 -12.02
CA LEU A 197 -3.14 10.54 -10.90
C LEU A 197 -1.64 10.21 -10.71
N PHE A 198 -1.24 8.96 -10.96
CA PHE A 198 0.18 8.54 -10.82
C PHE A 198 0.92 8.25 -12.13
N THR A 199 0.22 7.84 -13.18
CA THR A 199 0.83 7.59 -14.51
C THR A 199 1.15 8.87 -15.25
N ARG A 200 0.34 9.93 -15.06
CA ARG A 200 0.59 11.25 -15.71
C ARG A 200 0.57 12.37 -14.65
N GLN A 201 1.71 12.55 -14.00
CA GLN A 201 1.82 13.35 -12.77
C GLN A 201 1.57 14.89 -12.89
N ARG A 202 1.63 15.44 -14.12
CA ARG A 202 1.50 16.90 -14.34
C ARG A 202 0.24 17.24 -15.13
N LEU A 203 -0.88 16.63 -14.77
CA LEU A 203 -2.12 16.78 -15.53
C LEU A 203 -3.26 17.11 -14.61
N SER A 204 -3.88 18.29 -14.79
CA SER A 204 -4.88 18.80 -13.83
C SER A 204 -6.31 18.29 -14.08
N ILE A 205 -6.55 17.75 -15.26
CA ILE A 205 -7.87 17.21 -15.61
C ILE A 205 -7.65 15.81 -16.10
N GLN A 206 -8.29 14.83 -15.48
CA GLN A 206 -8.01 13.42 -15.78
C GLN A 206 -9.24 12.59 -15.88
N PRO A 207 -9.29 11.70 -16.87
CA PRO A 207 -10.34 10.70 -16.91
C PRO A 207 -10.12 9.62 -15.87
N LEU A 208 -11.21 9.09 -15.38
CA LEU A 208 -11.20 7.95 -14.53
C LEU A 208 -12.13 6.92 -15.12
N THR A 209 -11.80 5.64 -14.96
CA THR A 209 -12.70 4.55 -15.30
C THR A 209 -13.71 4.37 -14.22
N GLN A 210 -14.76 3.66 -14.55
CA GLN A 210 -15.75 3.21 -13.61
C GLN A 210 -15.06 2.47 -12.44
N GLU A 211 -14.17 1.52 -12.81
CA GLU A 211 -13.33 0.77 -11.84
C GLU A 211 -12.73 1.68 -10.75
N GLU A 212 -12.03 2.71 -11.21
CA GLU A 212 -11.26 3.58 -10.38
C GLU A 212 -12.13 4.47 -9.54
N PHE A 213 -13.19 4.97 -10.13
CA PHE A 213 -14.10 5.87 -9.46
C PHE A 213 -14.81 5.12 -8.31
N ASP A 214 -15.26 3.90 -8.57
CA ASP A 214 -15.94 3.11 -7.54
C ASP A 214 -15.00 2.70 -6.45
N PHE A 215 -13.75 2.43 -6.80
CA PHE A 215 -12.79 2.06 -5.78
C PHE A 215 -12.54 3.22 -4.80
N VAL A 216 -12.37 4.43 -5.34
CA VAL A 216 -12.17 5.60 -4.51
C VAL A 216 -13.38 5.76 -3.59
N LEU A 217 -14.59 5.62 -4.14
CA LEU A 217 -15.80 5.68 -3.32
C LEU A 217 -15.88 4.58 -2.24
N SER A 218 -15.36 3.38 -2.51
CA SER A 218 -15.30 2.32 -1.48
C SER A 218 -14.33 2.65 -0.36
N LEU A 219 -13.22 3.35 -0.66
CA LEU A 219 -12.27 3.78 0.40
C LEU A 219 -12.94 4.66 1.44
N GLU A 220 -13.71 5.60 0.96
CA GLU A 220 -14.66 6.41 1.78
C GLU A 220 -15.31 5.67 2.98
N GLU A 221 -15.71 4.42 2.77
CA GLU A 221 -16.37 3.59 3.80
C GLU A 221 -15.39 2.95 4.83
N LYS A 222 -14.16 2.65 4.41
CA LYS A 222 -13.13 2.05 5.26
C LYS A 222 -12.58 3.02 6.30
N GLU A 223 -11.93 2.47 7.34
CA GLU A 223 -11.11 3.25 8.28
C GLU A 223 -9.85 3.75 7.52
N PRO A 224 -9.29 4.93 7.92
CA PRO A 224 -8.14 5.56 7.21
C PRO A 224 -6.92 4.65 6.88
N SER B 54 -6.22 -27.38 12.96
CA SER B 54 -4.70 -27.38 12.97
C SER B 54 -4.09 -25.96 12.73
N SER B 55 -3.19 -25.52 13.60
CA SER B 55 -2.54 -24.19 13.45
C SER B 55 -1.41 -24.17 12.38
N HIS B 56 -1.03 -22.93 11.99
CA HIS B 56 -0.05 -22.66 10.91
C HIS B 56 0.86 -21.55 11.33
N TRP B 57 2.11 -21.57 10.88
CA TRP B 57 3.13 -20.65 11.44
C TRP B 57 4.02 -20.02 10.43
N LEU B 58 4.54 -18.85 10.80
CA LEU B 58 5.64 -18.19 10.07
C LEU B 58 6.84 -18.03 10.98
N MET B 59 8.00 -18.49 10.53
CA MET B 59 9.19 -18.51 11.39
C MET B 59 10.38 -17.92 10.67
N LYS B 60 10.97 -16.85 11.23
CA LYS B 60 11.98 -16.05 10.50
C LYS B 60 13.36 -16.55 10.75
N SER B 61 14.17 -16.62 9.73
CA SER B 61 15.61 -16.77 9.89
C SER B 61 16.31 -15.85 8.85
N GLU B 62 17.60 -15.72 8.99
CA GLU B 62 18.40 -14.80 8.23
C GLU B 62 19.27 -15.64 7.30
N PRO B 63 19.02 -15.55 5.98
CA PRO B 63 19.88 -16.23 5.03
C PRO B 63 21.24 -15.54 4.81
N GLU B 64 21.39 -14.29 5.26
CA GLU B 64 22.61 -13.56 4.97
C GLU B 64 23.49 -13.55 6.15
N SER B 65 24.75 -13.89 5.88
CA SER B 65 25.83 -13.79 6.81
C SER B 65 25.79 -12.47 7.62
N ARG B 66 25.90 -12.62 8.92
CA ARG B 66 25.89 -11.53 9.87
C ARG B 66 26.40 -12.17 11.21
N LEU B 67 27.39 -11.51 11.87
CA LEU B 67 28.01 -12.06 13.09
C LEU B 67 27.37 -11.44 14.32
N GLU B 68 26.99 -12.26 15.28
CA GLU B 68 26.69 -11.81 16.64
C GLU B 68 27.80 -12.46 17.47
N LYS B 69 28.44 -11.67 18.32
CA LYS B 69 29.53 -12.17 19.13
C LYS B 69 30.58 -12.97 18.30
N GLY B 70 30.93 -12.48 17.11
CA GLY B 70 32.02 -13.11 16.30
C GLY B 70 31.67 -14.42 15.64
N VAL B 71 30.38 -14.74 15.66
CA VAL B 71 29.86 -16.02 15.21
C VAL B 71 28.73 -15.72 14.25
N ASP B 72 28.79 -16.35 13.08
CA ASP B 72 27.73 -16.19 12.09
C ASP B 72 26.40 -16.83 12.58
N VAL B 73 25.29 -16.08 12.49
CA VAL B 73 23.95 -16.61 12.80
C VAL B 73 23.09 -16.83 11.54
N LYS B 74 23.74 -16.83 10.38
CA LYS B 74 23.14 -17.18 9.13
C LYS B 74 22.45 -18.49 9.22
N PHE B 75 21.21 -18.54 8.79
CA PHE B 75 20.55 -19.82 8.52
C PHE B 75 19.45 -19.67 7.47
N SER B 76 19.75 -20.11 6.26
CA SER B 76 18.78 -20.17 5.19
C SER B 76 18.03 -21.51 5.17
N ILE B 77 16.94 -21.55 4.42
CA ILE B 77 16.25 -22.77 4.06
C ILE B 77 17.17 -23.73 3.34
N GLU B 78 18.09 -23.25 2.54
CA GLU B 78 19.06 -24.14 1.88
C GLU B 78 19.95 -24.81 2.92
N ASP B 79 20.32 -24.06 3.97
CA ASP B 79 21.11 -24.61 5.07
C ASP B 79 20.31 -25.68 5.83
N LEU B 80 18.99 -25.45 5.97
CA LEU B 80 18.08 -26.46 6.51
C LEU B 80 18.13 -27.72 5.66
N LYS B 81 17.81 -27.58 4.37
CA LYS B 81 17.88 -28.71 3.39
C LYS B 81 19.15 -29.59 3.49
N ALA B 82 20.30 -28.97 3.75
CA ALA B 82 21.56 -29.69 3.78
C ALA B 82 21.96 -30.22 5.17
N GLN B 83 21.14 -29.97 6.21
CA GLN B 83 21.29 -30.66 7.52
C GLN B 83 20.98 -32.17 7.39
N PRO B 84 21.53 -33.00 8.30
CA PRO B 84 21.13 -34.40 8.35
C PRO B 84 19.63 -34.54 8.68
N LYS B 85 18.95 -35.41 7.92
CA LYS B 85 17.50 -35.57 8.01
C LYS B 85 16.75 -34.26 7.69
N GLN B 86 17.42 -33.31 6.99
CA GLN B 86 16.88 -31.98 6.67
C GLN B 86 16.14 -31.37 7.86
N THR B 87 16.81 -31.41 9.00
CA THR B 87 16.21 -31.14 10.31
C THR B 87 17.15 -30.27 11.10
N THR B 88 16.59 -29.40 11.91
CA THR B 88 17.39 -28.61 12.83
C THR B 88 16.55 -28.20 14.00
N CYS B 89 17.21 -27.73 15.05
CA CYS B 89 16.54 -27.26 16.25
C CYS B 89 16.44 -25.74 16.17
N TRP B 90 15.28 -25.17 16.51
CA TRP B 90 15.00 -23.72 16.29
C TRP B 90 15.37 -22.89 17.53
N ASP B 91 16.68 -22.78 17.69
CA ASP B 91 17.25 -22.07 18.84
C ASP B 91 17.27 -20.57 18.55
N GLY B 92 17.42 -19.77 19.60
CA GLY B 92 17.62 -18.34 19.49
C GLY B 92 16.45 -17.41 19.75
N VAL B 93 15.26 -17.93 20.02
CA VAL B 93 14.08 -17.06 20.24
C VAL B 93 14.14 -16.47 21.63
N ARG B 94 13.99 -15.15 21.70
CA ARG B 94 14.16 -14.41 22.95
C ARG B 94 13.12 -13.33 23.09
N ASN B 95 11.99 -13.53 22.45
CA ASN B 95 10.83 -12.73 22.65
C ASN B 95 9.83 -13.66 23.41
N TYR B 96 9.21 -13.16 24.48
CA TYR B 96 8.31 -13.98 25.31
C TYR B 96 7.08 -14.35 24.55
N GLN B 97 6.43 -13.34 24.00
CA GLN B 97 5.27 -13.56 23.14
C GLN B 97 5.57 -14.58 22.04
N ALA B 98 6.76 -14.51 21.46
CA ALA B 98 7.21 -15.46 20.42
C ALA B 98 7.47 -16.85 20.95
N ARG B 99 8.05 -16.92 22.16
CA ARG B 99 8.27 -18.22 22.86
C ARG B 99 6.95 -18.94 23.11
N ASN B 100 5.94 -18.20 23.54
CA ASN B 100 4.63 -18.79 23.81
C ASN B 100 4.03 -19.42 22.56
N PHE B 101 4.22 -18.77 21.41
CA PHE B 101 3.82 -19.36 20.12
C PHE B 101 4.64 -20.66 19.84
N LEU B 102 5.93 -20.66 20.09
CA LEU B 102 6.69 -21.95 20.04
C LEU B 102 6.06 -23.05 20.96
N ARG B 103 5.50 -22.61 22.09
CA ARG B 103 4.86 -23.52 23.03
C ARG B 103 3.42 -23.90 22.70
N ALA B 104 2.81 -23.25 21.70
CA ALA B 104 1.53 -23.70 21.11
C ALA B 104 1.74 -24.73 20.00
N MET B 105 2.97 -24.85 19.49
CA MET B 105 3.21 -25.68 18.29
C MET B 105 3.01 -27.13 18.55
N LYS B 106 2.42 -27.79 17.59
CA LYS B 106 2.01 -29.20 17.70
C LYS B 106 2.70 -29.97 16.59
N LEU B 107 2.93 -31.24 16.84
CA LEU B 107 3.69 -32.09 15.90
C LEU B 107 3.00 -32.13 14.52
N GLY B 108 3.79 -31.91 13.46
CA GLY B 108 3.28 -31.95 12.08
C GLY B 108 2.56 -30.70 11.59
N GLU B 109 2.54 -29.63 12.41
CA GLU B 109 1.97 -28.36 11.98
C GLU B 109 2.98 -27.74 11.05
N GLU B 110 2.50 -27.16 9.97
CA GLU B 110 3.37 -26.64 8.96
C GLU B 110 3.67 -25.20 9.30
N ALA B 111 4.73 -24.70 8.67
CA ALA B 111 5.27 -23.39 8.95
C ALA B 111 6.07 -22.82 7.77
N PHE B 112 5.82 -21.56 7.42
CA PHE B 112 6.64 -20.89 6.38
C PHE B 112 8.02 -20.50 6.93
N PHE B 113 9.07 -20.90 6.20
CA PHE B 113 10.46 -20.48 6.48
C PHE B 113 10.60 -19.06 5.83
N TYR B 114 10.56 -18.00 6.65
CA TYR B 114 10.63 -16.62 6.16
C TYR B 114 12.04 -16.07 6.29
N HIS B 115 12.67 -15.75 5.16
CA HIS B 115 13.96 -15.09 5.12
C HIS B 115 13.77 -13.62 5.46
N SER B 116 14.48 -13.14 6.48
CA SER B 116 14.40 -11.72 6.85
C SER B 116 15.76 -11.06 6.86
N ASN B 117 15.75 -9.72 6.90
CA ASN B 117 16.94 -8.90 7.21
C ASN B 117 18.07 -9.17 6.21
N CYS B 118 17.73 -9.13 4.95
CA CYS B 118 18.58 -9.52 3.86
C CYS B 118 18.15 -8.73 2.63
N LYS B 119 18.93 -8.88 1.55
CA LYS B 119 18.65 -8.28 0.26
C LYS B 119 17.30 -8.74 -0.33
N GLU B 120 16.98 -10.04 -0.24
CA GLU B 120 15.68 -10.62 -0.84
C GLU B 120 14.74 -11.26 0.24
N PRO B 121 14.18 -10.42 1.14
CA PRO B 121 13.31 -10.93 2.21
C PRO B 121 11.96 -11.44 1.74
N GLY B 122 11.49 -12.53 2.33
CA GLY B 122 10.25 -13.16 1.92
C GLY B 122 10.16 -14.61 2.26
N ILE B 123 9.05 -15.26 1.84
CA ILE B 123 8.75 -16.67 2.18
C ILE B 123 9.39 -17.62 1.16
N ALA B 124 10.27 -18.48 1.66
CA ALA B 124 11.11 -19.36 0.84
C ALA B 124 10.58 -20.77 0.72
N GLY B 125 9.83 -21.21 1.71
CA GLY B 125 9.40 -22.62 1.73
C GLY B 125 8.62 -23.03 2.94
N LEU B 126 8.54 -24.33 3.10
CA LEU B 126 7.67 -24.91 4.07
C LEU B 126 8.41 -25.92 4.90
N MET B 127 8.09 -25.92 6.17
CA MET B 127 8.63 -26.89 7.10
C MET B 127 7.57 -27.23 8.11
N LYS B 128 7.79 -28.33 8.83
CA LYS B 128 6.85 -28.78 9.88
C LYS B 128 7.59 -29.08 11.14
N ILE B 129 6.83 -29.17 12.21
CA ILE B 129 7.36 -29.43 13.52
C ILE B 129 7.61 -30.92 13.67
N VAL B 130 8.80 -31.28 14.18
CA VAL B 130 9.13 -32.69 14.48
C VAL B 130 9.42 -32.94 15.97
N LYS B 131 9.80 -31.93 16.75
CA LYS B 131 9.77 -32.04 18.23
C LYS B 131 9.10 -30.82 18.81
N GLU B 132 8.19 -31.00 19.77
CA GLU B 132 7.47 -29.87 20.38
C GLU B 132 8.41 -29.14 21.33
N ALA B 133 7.97 -27.96 21.78
CA ALA B 133 8.76 -27.07 22.65
C ALA B 133 9.45 -27.80 23.81
N TYR B 134 10.77 -27.63 23.86
CA TYR B 134 11.64 -28.15 24.90
C TYR B 134 12.84 -27.18 25.10
N PRO B 135 13.40 -27.13 26.30
CA PRO B 135 14.47 -26.14 26.66
C PRO B 135 15.52 -25.81 25.57
N ASP B 136 15.74 -24.51 25.30
CA ASP B 136 16.83 -24.06 24.37
C ASP B 136 18.21 -24.05 25.12
N HIS B 137 19.03 -25.08 24.86
CA HIS B 137 20.36 -25.27 25.51
C HIS B 137 21.43 -24.13 25.32
N THR B 138 21.29 -23.36 24.23
CA THR B 138 22.23 -22.24 23.95
C THR B 138 22.07 -21.05 24.91
N GLN B 139 20.89 -20.91 25.53
CA GLN B 139 20.69 -19.89 26.57
C GLN B 139 21.65 -20.05 27.78
N PHE B 140 22.28 -21.21 27.93
CA PHE B 140 23.30 -21.40 28.99
C PHE B 140 24.75 -21.51 28.50
N GLU B 141 24.98 -21.58 27.18
CA GLU B 141 26.35 -21.66 26.61
C GLU B 141 27.03 -20.28 26.60
N LYS B 142 28.09 -20.15 27.41
CA LYS B 142 28.67 -18.83 27.81
C LYS B 142 28.95 -17.92 26.63
N ASN B 143 29.53 -18.48 25.56
CA ASN B 143 30.00 -17.67 24.40
C ASN B 143 29.14 -17.86 23.15
N ASN B 144 27.93 -18.31 23.34
CA ASN B 144 27.00 -18.43 22.28
C ASN B 144 26.33 -17.08 22.03
N PRO B 145 26.08 -16.73 20.76
CA PRO B 145 25.31 -15.53 20.39
C PRO B 145 24.05 -15.26 21.22
N HIS B 146 23.36 -16.33 21.59
CA HIS B 146 22.11 -16.24 22.31
C HIS B 146 22.19 -16.69 23.77
N TYR B 147 23.37 -16.58 24.39
CA TYR B 147 23.50 -16.76 25.85
C TYR B 147 22.56 -15.81 26.53
N ASP B 148 21.93 -16.24 27.61
CA ASP B 148 21.13 -15.36 28.44
C ASP B 148 21.59 -15.50 29.93
N PRO B 149 22.41 -14.52 30.43
CA PRO B 149 22.88 -14.63 31.82
C PRO B 149 21.74 -14.70 32.83
N SER B 150 20.62 -14.05 32.53
CA SER B 150 19.48 -14.01 33.42
C SER B 150 18.68 -15.32 33.53
N SER B 151 18.93 -16.30 32.64
CA SER B 151 18.10 -17.54 32.59
C SER B 151 18.71 -18.66 33.42
N LYS B 152 17.95 -19.19 34.38
CA LYS B 152 18.45 -20.21 35.36
C LYS B 152 18.36 -21.66 34.83
N GLU B 153 19.38 -22.47 35.14
CA GLU B 153 19.46 -23.91 34.72
C GLU B 153 18.19 -24.74 35.11
N ASP B 154 17.67 -24.44 36.31
CA ASP B 154 16.52 -25.14 36.87
C ASP B 154 15.16 -24.66 36.31
N ASN B 155 15.08 -23.39 35.89
CA ASN B 155 13.79 -22.73 35.46
C ASN B 155 13.98 -21.99 34.12
N PRO B 156 14.28 -22.74 33.04
CA PRO B 156 14.73 -22.10 31.81
C PRO B 156 13.71 -21.13 31.24
N LYS B 157 14.15 -19.90 31.00
CA LYS B 157 13.35 -18.89 30.29
C LYS B 157 12.91 -19.32 28.90
N TRP B 158 13.80 -19.96 28.14
CA TRP B 158 13.61 -20.05 26.67
C TRP B 158 13.47 -21.47 26.16
N SER B 159 12.68 -21.61 25.11
CA SER B 159 12.40 -22.91 24.44
C SER B 159 12.78 -22.82 22.98
N MET B 160 12.83 -24.00 22.39
CA MET B 160 12.97 -24.20 21.00
C MET B 160 12.09 -25.39 20.57
N VAL B 161 11.94 -25.58 19.26
CA VAL B 161 11.33 -26.77 18.68
C VAL B 161 12.27 -27.32 17.62
N ASP B 162 12.04 -28.54 17.16
CA ASP B 162 12.77 -29.05 16.00
C ASP B 162 11.84 -29.03 14.83
N VAL B 163 12.36 -28.54 13.69
CA VAL B 163 11.57 -28.40 12.46
C VAL B 163 12.24 -29.23 11.43
N GLN B 164 11.47 -29.69 10.46
CA GLN B 164 11.97 -30.47 9.36
C GLN B 164 11.42 -29.90 8.10
N PHE B 165 12.26 -29.90 7.08
CA PHE B 165 11.95 -29.34 5.75
C PHE B 165 10.88 -30.18 5.06
N VAL B 166 9.97 -29.51 4.37
CA VAL B 166 8.97 -30.16 3.54
C VAL B 166 9.24 -29.86 2.06
N ARG B 167 9.20 -28.58 1.69
CA ARG B 167 9.43 -28.20 0.28
C ARG B 167 9.68 -26.74 0.07
N MET B 168 10.24 -26.42 -1.09
CA MET B 168 10.32 -25.06 -1.57
C MET B 168 8.94 -24.62 -2.01
N MET B 169 8.75 -23.30 -2.01
CA MET B 169 7.65 -22.69 -2.67
C MET B 169 7.86 -22.90 -4.17
N LYS B 170 6.81 -23.19 -4.93
CA LYS B 170 6.92 -23.28 -6.43
C LYS B 170 7.72 -22.08 -6.98
N ARG B 171 7.47 -20.90 -6.44
CA ARG B 171 8.36 -19.77 -6.62
C ARG B 171 8.58 -19.03 -5.31
N PHE B 172 9.74 -18.38 -5.19
CA PHE B 172 10.02 -17.51 -4.06
C PHE B 172 8.93 -16.41 -3.96
N ILE B 173 8.45 -16.15 -2.74
CA ILE B 173 7.36 -15.15 -2.51
C ILE B 173 7.92 -13.96 -1.77
N PRO B 174 8.18 -12.82 -2.48
CA PRO B 174 8.87 -11.70 -1.75
C PRO B 174 7.97 -10.96 -0.79
N LEU B 175 8.62 -10.25 0.13
CA LEU B 175 7.93 -9.40 1.07
C LEU B 175 7.17 -8.29 0.34
N ALA B 176 7.74 -7.73 -0.72
CA ALA B 176 7.08 -6.65 -1.50
C ALA B 176 5.74 -7.13 -2.03
N GLU B 177 5.71 -8.37 -2.51
CA GLU B 177 4.47 -8.95 -3.05
C GLU B 177 3.42 -9.19 -1.93
N LEU B 178 3.85 -9.75 -0.81
CA LEU B 178 2.94 -9.95 0.34
C LEU B 178 2.45 -8.63 0.88
N LYS B 179 3.36 -7.66 0.97
CA LYS B 179 3.02 -6.28 1.36
C LYS B 179 1.95 -5.68 0.41
N SER B 180 2.06 -5.96 -0.90
CA SER B 180 1.07 -5.48 -1.86
C SER B 180 -0.29 -6.09 -1.60
N TYR B 181 -0.33 -7.40 -1.37
CA TYR B 181 -1.63 -8.08 -1.14
C TYR B 181 -2.25 -7.63 0.19
N HIS B 182 -1.44 -7.47 1.21
CA HIS B 182 -1.89 -6.90 2.47
C HIS B 182 -2.57 -5.55 2.27
N GLN B 183 -1.94 -4.69 1.50
CA GLN B 183 -2.48 -3.34 1.26
C GLN B 183 -3.82 -3.45 0.54
N ALA B 184 -3.82 -4.12 -0.61
CA ALA B 184 -5.06 -4.35 -1.39
C ALA B 184 -6.24 -4.86 -0.54
N HIS B 185 -5.93 -5.81 0.32
CA HIS B 185 -6.96 -6.42 1.17
C HIS B 185 -7.52 -5.50 2.22
N LYS B 186 -6.75 -4.50 2.66
CA LYS B 186 -7.34 -3.46 3.54
C LYS B 186 -8.67 -2.87 3.02
N ALA B 187 -8.82 -2.76 1.69
CA ALA B 187 -10.04 -2.14 1.05
C ALA B 187 -11.20 -3.13 0.79
N THR B 188 -10.84 -4.41 0.60
CA THR B 188 -11.78 -5.49 0.22
C THR B 188 -11.90 -6.58 1.33
N GLY B 189 -11.54 -6.25 2.57
CA GLY B 189 -11.46 -7.22 3.68
C GLY B 189 -10.93 -8.61 3.29
N GLY B 190 -9.80 -8.65 2.60
CA GLY B 190 -9.20 -9.92 2.18
C GLY B 190 -8.38 -10.63 3.28
N PRO B 191 -7.86 -11.84 2.98
CA PRO B 191 -7.13 -12.75 3.91
C PRO B 191 -5.92 -12.15 4.71
N LEU B 192 -5.07 -11.42 4.00
CA LEU B 192 -3.87 -10.87 4.56
C LEU B 192 -4.09 -9.51 5.27
N LYS B 193 -5.33 -9.01 5.35
CA LYS B 193 -5.59 -7.71 6.01
C LYS B 193 -4.97 -7.54 7.42
N ASN B 194 -4.99 -8.61 8.22
CA ASN B 194 -4.42 -8.58 9.57
C ASN B 194 -3.35 -9.63 9.74
N MET B 195 -2.61 -9.86 8.65
CA MET B 195 -1.49 -10.75 8.70
C MET B 195 -0.50 -10.13 9.68
N VAL B 196 -0.04 -10.95 10.61
CA VAL B 196 0.79 -10.49 11.72
C VAL B 196 2.16 -9.95 11.22
N LEU B 197 2.63 -10.49 10.10
CA LEU B 197 3.85 -10.04 9.42
C LEU B 197 3.95 -8.52 9.26
N PHE B 198 2.84 -7.81 9.09
CA PHE B 198 2.87 -6.33 8.89
C PHE B 198 2.47 -5.51 10.08
N THR B 199 1.83 -6.12 11.05
CA THR B 199 1.35 -5.40 12.23
C THR B 199 2.37 -5.43 13.35
N ARG B 200 3.15 -6.52 13.42
CA ARG B 200 4.18 -6.73 14.47
C ARG B 200 5.54 -7.04 13.84
N GLN B 201 6.39 -6.03 13.79
CA GLN B 201 7.65 -6.09 13.05
C GLN B 201 8.67 -6.94 13.75
N ARG B 202 8.70 -6.85 15.06
CA ARG B 202 9.81 -7.39 15.80
C ARG B 202 9.38 -8.59 16.58
N LEU B 203 8.87 -9.56 15.83
CA LEU B 203 8.28 -10.79 16.34
C LEU B 203 8.59 -11.87 15.30
N SER B 204 9.43 -12.84 15.68
CA SER B 204 10.03 -13.79 14.73
C SER B 204 9.35 -15.17 14.66
N ILE B 205 8.30 -15.37 15.43
CA ILE B 205 7.48 -16.57 15.37
C ILE B 205 6.06 -16.07 15.31
N GLN B 206 5.28 -16.52 14.34
CA GLN B 206 3.95 -15.89 14.07
C GLN B 206 2.94 -16.91 13.69
N PRO B 207 1.72 -16.80 14.23
CA PRO B 207 0.64 -17.64 13.78
C PRO B 207 0.03 -17.07 12.49
N LEU B 208 -0.34 -17.94 11.55
CA LEU B 208 -1.22 -17.57 10.48
C LEU B 208 -2.55 -18.23 10.67
N THR B 209 -3.63 -17.49 10.39
CA THR B 209 -4.97 -18.07 10.27
C THR B 209 -5.02 -18.89 8.99
N GLN B 210 -5.99 -19.81 8.93
CA GLN B 210 -6.13 -20.71 7.76
C GLN B 210 -6.26 -19.90 6.49
N GLU B 211 -7.17 -18.92 6.53
CA GLU B 211 -7.28 -17.88 5.47
C GLU B 211 -5.89 -17.49 4.92
N GLU B 212 -5.06 -16.94 5.81
CA GLU B 212 -3.78 -16.38 5.44
C GLU B 212 -2.89 -17.44 4.83
N PHE B 213 -2.89 -18.62 5.41
CA PHE B 213 -2.00 -19.67 4.98
C PHE B 213 -2.38 -20.18 3.61
N ASP B 214 -3.64 -20.59 3.45
CA ASP B 214 -4.18 -20.95 2.13
C ASP B 214 -3.82 -19.89 1.04
N PHE B 215 -4.02 -18.61 1.37
CA PHE B 215 -3.82 -17.56 0.40
C PHE B 215 -2.37 -17.39 -0.05
N VAL B 216 -1.43 -17.57 0.89
CA VAL B 216 -0.02 -17.53 0.54
C VAL B 216 0.29 -18.67 -0.42
N LEU B 217 -0.22 -19.88 -0.09
CA LEU B 217 -0.09 -21.05 -0.98
C LEU B 217 -0.62 -20.72 -2.36
N SER B 218 -1.73 -19.95 -2.44
CA SER B 218 -2.30 -19.61 -3.75
C SER B 218 -1.36 -18.70 -4.56
N LEU B 219 -0.66 -17.76 -3.92
CA LEU B 219 0.31 -16.90 -4.63
C LEU B 219 1.35 -17.72 -5.35
N GLU B 220 1.88 -18.69 -4.67
CA GLU B 220 2.74 -19.74 -5.27
C GLU B 220 2.35 -20.19 -6.71
N GLU B 221 1.07 -20.30 -6.98
CA GLU B 221 0.58 -20.77 -8.31
C GLU B 221 0.54 -19.66 -9.39
N LYS B 222 0.36 -18.40 -8.98
CA LYS B 222 0.33 -17.25 -9.89
C LYS B 222 1.71 -17.02 -10.45
N GLU B 223 1.79 -16.70 -11.75
CA GLU B 223 3.06 -16.27 -12.34
C GLU B 223 3.16 -14.78 -11.94
N PRO B 224 4.35 -14.31 -11.55
CA PRO B 224 4.48 -12.88 -11.23
C PRO B 224 4.65 -12.03 -12.49
#